data_5MR2
#
_entry.id   5MR2
#
_cell.length_a   69.920
_cell.length_b   79.190
_cell.length_c   81.240
_cell.angle_alpha   90.00
_cell.angle_beta   102.62
_cell.angle_gamma   90.00
#
_symmetry.space_group_name_H-M   'C 1 2 1'
#
loop_
_entity.id
_entity.type
_entity.pdbx_description
1 polymer 'Vitelline envelope sperm lysin receptor'
2 non-polymer 2-acetamido-2-deoxy-beta-D-glucopyranose
3 water water
#
_entity_poly.entity_id   1
_entity_poly.type   'polypeptide(L)'
_entity_poly.pdbx_seq_one_letter_code
;ETGIDWDVFCSQNENIPAKFISRLVAPKCLAVEKMDVDCSNGLVPITHEHGFNMMLIQYTRNKLLDSPGMCVFWGPYSVP
KNDTVVLYTVTARLKWSEGPPTDLSIQCYMPKSPDAPKPEACLAAPLEHHHHHH
;
_entity_poly.pdbx_strand_id   A,B,C
#
# COMPACT_ATOMS: atom_id res chain seq x y z
N THR A 2 -3.93 11.56 -9.43
CA THR A 2 -3.70 10.27 -8.79
C THR A 2 -4.50 9.19 -9.53
N GLY A 3 -3.95 7.97 -9.59
CA GLY A 3 -4.53 6.84 -10.30
C GLY A 3 -5.70 6.14 -9.61
N ILE A 4 -6.08 6.60 -8.43
CA ILE A 4 -7.16 6.01 -7.66
C ILE A 4 -8.04 7.14 -7.12
N ASP A 5 -9.36 6.95 -7.18
CA ASP A 5 -10.34 7.83 -6.56
C ASP A 5 -10.69 7.25 -5.21
N TRP A 6 -10.67 8.06 -4.17
CA TRP A 6 -11.00 7.51 -2.87
C TRP A 6 -11.47 8.61 -1.94
N ASP A 7 -12.16 8.19 -0.89
CA ASP A 7 -12.61 9.12 0.14
C ASP A 7 -12.82 8.36 1.43
N VAL A 8 -12.81 9.09 2.54
CA VAL A 8 -12.99 8.52 3.86
C VAL A 8 -14.20 9.17 4.49
N PHE A 9 -15.13 8.34 4.95
CA PHE A 9 -16.31 8.83 5.65
C PHE A 9 -16.21 8.37 7.08
N CYS A 10 -15.87 9.30 7.96
CA CYS A 10 -15.69 9.02 9.37
C CYS A 10 -17.04 8.93 10.06
N SER A 11 -17.10 8.14 11.13
CA SER A 11 -18.36 7.96 11.84
C SER A 11 -18.39 8.82 13.09
N GLN A 12 -19.54 8.81 13.75
CA GLN A 12 -19.80 9.68 14.90
C GLN A 12 -19.54 9.02 16.24
N ASN A 13 -19.37 7.71 16.28
CA ASN A 13 -19.15 7.01 17.54
C ASN A 13 -18.30 5.78 17.27
N GLU A 14 -17.54 5.38 18.27
CA GLU A 14 -16.56 4.32 18.08
C GLU A 14 -17.18 2.97 17.76
N ASN A 15 -18.47 2.79 17.99
CA ASN A 15 -19.11 1.52 17.67
C ASN A 15 -19.47 1.37 16.19
N ILE A 16 -19.47 2.46 15.43
CA ILE A 16 -19.73 2.42 13.99
C ILE A 16 -18.40 2.59 13.26
N PRO A 17 -17.97 1.62 12.46
CA PRO A 17 -16.70 1.78 11.76
C PRO A 17 -16.75 2.87 10.70
N ALA A 18 -15.58 3.42 10.40
CA ALA A 18 -15.40 4.34 9.28
C ALA A 18 -15.38 3.57 7.96
N LYS A 19 -15.61 4.29 6.87
CA LYS A 19 -15.69 3.69 5.54
C LYS A 19 -14.67 4.31 4.58
N PHE A 20 -13.73 3.49 4.14
CA PHE A 20 -12.75 3.85 3.12
C PHE A 20 -13.24 3.31 1.78
N ILE A 21 -13.35 4.17 0.78
CA ILE A 21 -13.97 3.83 -0.49
C ILE A 21 -13.03 4.28 -1.59
N SER A 22 -12.79 3.40 -2.58
CA SER A 22 -11.77 3.65 -3.59
C SER A 22 -12.19 3.11 -4.95
N ARG A 23 -11.53 3.61 -6.00
CA ARG A 23 -11.79 3.19 -7.37
C ARG A 23 -10.51 3.31 -8.19
N LEU A 24 -10.22 2.33 -9.04
CA LEU A 24 -8.94 2.28 -9.73
C LEU A 24 -9.00 2.71 -11.18
N VAL A 25 -8.06 3.58 -11.57
CA VAL A 25 -7.86 3.94 -12.96
C VAL A 25 -6.55 3.36 -13.45
N ALA A 26 -6.55 2.86 -14.68
CA ALA A 26 -5.36 2.27 -15.28
C ALA A 26 -4.26 3.32 -15.47
N CYS A 29 -1.93 1.53 -19.18
CA CYS A 29 -0.52 1.92 -19.17
C CYS A 29 0.28 1.06 -18.20
N LEU A 30 -0.24 0.92 -16.97
CA LEU A 30 0.42 0.14 -15.93
C LEU A 30 -0.64 -0.61 -15.12
N ALA A 31 -0.18 -1.49 -14.24
CA ALA A 31 -1.03 -2.46 -13.52
C ALA A 31 -0.73 -2.44 -12.02
N VAL A 32 -1.64 -3.01 -11.22
CA VAL A 32 -1.50 -2.97 -9.76
C VAL A 32 -0.93 -4.30 -9.29
N GLU A 33 0.22 -4.26 -8.62
CA GLU A 33 0.77 -5.47 -8.01
C GLU A 33 0.11 -5.79 -6.69
N LYS A 34 0.03 -4.82 -5.77
CA LYS A 34 -0.74 -5.02 -4.55
C LYS A 34 -1.14 -3.68 -3.95
N MET A 35 -2.30 -3.69 -3.30
CA MET A 35 -2.74 -2.63 -2.42
C MET A 35 -3.05 -3.23 -1.05
N ASP A 36 -2.41 -2.69 0.00
CA ASP A 36 -2.63 -3.15 1.35
C ASP A 36 -2.68 -1.96 2.29
N VAL A 37 -3.33 -2.17 3.44
CA VAL A 37 -3.57 -1.14 4.42
C VAL A 37 -2.82 -1.53 5.69
N ASP A 38 -2.10 -0.58 6.27
CA ASP A 38 -1.34 -0.84 7.48
C ASP A 38 -2.20 -0.47 8.68
N CYS A 39 -2.68 -1.48 9.38
CA CYS A 39 -3.62 -1.36 10.47
C CYS A 39 -2.95 -1.85 11.75
N SER A 40 -3.44 -1.36 12.89
CA SER A 40 -2.87 -1.76 14.18
C SER A 40 -2.89 -3.28 14.35
N ASN A 41 -3.82 -3.98 13.70
CA ASN A 41 -3.91 -5.44 13.80
C ASN A 41 -3.18 -6.17 12.68
N GLY A 42 -2.63 -5.45 11.72
CA GLY A 42 -1.79 -6.07 10.73
C GLY A 42 -1.95 -5.38 9.39
N LEU A 43 -1.33 -5.99 8.39
CA LEU A 43 -1.38 -5.53 7.01
C LEU A 43 -2.54 -6.24 6.32
N VAL A 44 -3.51 -5.48 5.83
CA VAL A 44 -4.78 -5.99 5.34
C VAL A 44 -4.90 -5.71 3.85
N PRO A 45 -5.00 -6.73 2.99
CA PRO A 45 -5.08 -6.49 1.55
C PRO A 45 -6.46 -6.05 1.05
N ILE A 46 -6.44 -5.35 -0.07
CA ILE A 46 -7.62 -4.80 -0.73
C ILE A 46 -7.70 -5.31 -2.16
N THR A 47 -8.90 -5.71 -2.57
CA THR A 47 -9.20 -5.99 -3.97
C THR A 47 -10.32 -5.08 -4.44
N HIS A 48 -10.19 -4.62 -5.67
CA HIS A 48 -11.26 -3.92 -6.37
C HIS A 48 -11.94 -4.93 -7.31
N GLU A 49 -13.19 -5.28 -7.00
CA GLU A 49 -13.87 -6.34 -7.74
C GLU A 49 -14.19 -5.87 -9.15
N HIS A 50 -15.10 -4.90 -9.25
CA HIS A 50 -15.41 -4.20 -10.49
C HIS A 50 -14.64 -2.90 -10.63
N GLY A 51 -13.51 -2.77 -9.94
CA GLY A 51 -12.78 -1.52 -9.89
C GLY A 51 -13.24 -0.63 -8.77
N PHE A 52 -14.10 -1.12 -7.90
CA PHE A 52 -14.65 -0.37 -6.79
C PHE A 52 -14.49 -1.19 -5.52
N ASN A 53 -14.18 -0.53 -4.41
CA ASN A 53 -14.04 -1.21 -3.13
C ASN A 53 -14.49 -0.30 -2.01
N MET A 54 -15.20 -0.87 -1.05
CA MET A 54 -15.52 -0.23 0.21
C MET A 54 -14.96 -1.10 1.32
N MET A 55 -14.16 -0.49 2.21
CA MET A 55 -13.57 -1.19 3.32
C MET A 55 -14.00 -0.51 4.61
N LEU A 56 -14.38 -1.31 5.60
CA LEU A 56 -14.69 -0.80 6.94
C LEU A 56 -13.45 -0.78 7.82
N ILE A 57 -13.25 0.32 8.54
CA ILE A 57 -12.15 0.44 9.50
C ILE A 57 -12.72 0.74 10.87
N GLN A 58 -12.42 -0.13 11.83
CA GLN A 58 -13.01 -0.07 13.16
C GLN A 58 -12.13 0.72 14.12
N TYR A 59 -12.79 1.51 14.98
CA TYR A 59 -12.06 2.28 15.99
C TYR A 59 -11.59 1.42 17.16
N THR A 60 -12.34 0.36 17.49
CA THR A 60 -11.99 -0.53 18.59
C THR A 60 -11.98 -1.97 18.13
N ARG A 61 -11.77 -2.90 19.06
CA ARG A 61 -11.85 -4.32 18.73
C ARG A 61 -12.63 -5.04 19.82
N LEU A 64 -15.60 -4.91 19.17
CA LEU A 64 -16.21 -6.12 19.71
C LEU A 64 -16.62 -7.07 18.59
N LEU A 65 -16.60 -6.55 17.36
CA LEU A 65 -16.71 -7.37 16.16
C LEU A 65 -15.34 -7.90 15.81
N ASP A 66 -15.18 -9.21 15.85
CA ASP A 66 -13.93 -9.86 15.47
C ASP A 66 -14.26 -10.80 14.32
N SER A 67 -13.80 -10.44 13.12
CA SER A 67 -14.10 -11.19 11.92
C SER A 67 -12.89 -11.20 11.02
N PRO A 68 -12.68 -12.27 10.25
CA PRO A 68 -11.43 -12.39 9.47
C PRO A 68 -11.33 -11.30 8.41
N GLY A 69 -10.11 -10.78 8.25
CA GLY A 69 -9.80 -9.72 7.30
C GLY A 69 -10.09 -8.32 7.78
N MET A 70 -10.27 -8.12 9.08
CA MET A 70 -10.67 -6.83 9.64
C MET A 70 -9.45 -5.90 9.73
N CYS A 71 -9.73 -4.61 9.73
CA CYS A 71 -8.70 -3.59 9.87
C CYS A 71 -9.11 -2.64 10.98
N VAL A 72 -8.22 -2.45 11.96
CA VAL A 72 -8.45 -1.57 13.10
C VAL A 72 -7.54 -0.36 13.00
N PHE A 73 -8.09 0.82 13.29
CA PHE A 73 -7.31 2.05 13.31
C PHE A 73 -6.15 1.95 14.28
N TRP A 74 -5.05 2.63 13.93
CA TRP A 74 -4.04 3.00 14.90
C TRP A 74 -4.58 4.16 15.74
N GLY A 75 -4.41 4.07 17.04
CA GLY A 75 -4.78 5.20 17.87
C GLY A 75 -5.40 4.72 19.16
N PRO A 76 -5.93 5.66 19.97
CA PRO A 76 -6.01 7.09 19.65
C PRO A 76 -4.70 7.87 19.79
N TYR A 77 -4.61 8.98 19.06
CA TYR A 77 -3.46 9.86 19.13
C TYR A 77 -3.94 11.24 19.59
N SER A 78 -3.14 11.88 20.44
CA SER A 78 -3.41 13.25 20.83
C SER A 78 -2.99 14.22 19.74
N VAL A 79 -3.65 15.37 19.72
CA VAL A 79 -3.50 16.42 18.71
C VAL A 79 -2.95 17.68 19.39
N PRO A 80 -2.00 18.42 18.78
CA PRO A 80 -1.30 19.49 19.53
C PRO A 80 -2.12 20.69 19.99
N LYS A 81 -2.88 21.32 19.10
CA LYS A 81 -3.56 22.55 19.48
C LYS A 81 -4.86 22.29 20.24
N ASN A 82 -5.52 21.18 19.96
CA ASN A 82 -6.88 20.95 20.41
C ASN A 82 -6.89 19.82 21.44
N ASP A 83 -7.48 20.08 22.60
CA ASP A 83 -7.63 19.09 23.65
C ASP A 83 -8.99 18.40 23.65
N THR A 84 -9.87 18.73 22.71
CA THR A 84 -11.22 18.17 22.69
C THR A 84 -11.38 17.00 21.69
N VAL A 85 -10.34 16.63 20.95
CA VAL A 85 -10.43 15.54 19.97
C VAL A 85 -9.17 14.71 20.01
N VAL A 86 -9.29 13.49 19.47
CA VAL A 86 -8.16 12.59 19.24
C VAL A 86 -8.27 12.06 17.82
N LEU A 87 -7.13 11.57 17.31
CA LEU A 87 -7.02 11.12 15.93
C LEU A 87 -6.89 9.60 15.87
N TYR A 88 -7.65 8.99 14.98
CA TYR A 88 -7.43 7.61 14.56
C TYR A 88 -6.94 7.62 13.12
N THR A 89 -6.05 6.68 12.79
CA THR A 89 -5.46 6.72 11.45
C THR A 89 -4.98 5.33 11.03
N VAL A 90 -4.89 5.15 9.70
CA VAL A 90 -4.16 4.08 9.05
C VAL A 90 -3.58 4.63 7.75
N THR A 91 -2.80 3.81 7.08
CA THR A 91 -2.23 4.16 5.79
C THR A 91 -2.40 2.99 4.84
N ALA A 92 -2.50 3.32 3.57
CA ALA A 92 -2.65 2.35 2.51
C ALA A 92 -1.51 2.58 1.52
N ARG A 93 -0.98 1.49 0.97
CA ARG A 93 0.06 1.58 -0.02
C ARG A 93 -0.40 0.82 -1.25
N LEU A 94 -0.45 1.52 -2.38
CA LEU A 94 -0.83 0.96 -3.66
C LEU A 94 0.42 0.88 -4.52
N LYS A 95 0.92 -0.33 -4.73
CA LYS A 95 2.22 -0.56 -5.37
C LYS A 95 2.00 -0.97 -6.83
N TRP A 96 2.44 -0.11 -7.74
CA TRP A 96 2.22 -0.29 -9.17
C TRP A 96 3.25 -1.23 -9.81
N SER A 97 2.86 -1.77 -10.96
CA SER A 97 3.76 -2.61 -11.75
C SER A 97 5.01 -1.85 -12.18
N GLU A 98 4.85 -0.62 -12.64
CA GLU A 98 5.97 0.22 -13.02
C GLU A 98 5.73 1.60 -12.41
N GLY A 99 6.60 1.99 -11.48
CA GLY A 99 6.64 3.36 -11.03
C GLY A 99 6.72 3.43 -9.53
N PRO A 100 6.68 4.64 -8.99
CA PRO A 100 6.66 4.79 -7.52
C PRO A 100 5.28 4.47 -6.96
N PRO A 101 5.19 3.97 -5.73
CA PRO A 101 3.89 3.66 -5.16
C PRO A 101 3.13 4.91 -4.74
N THR A 102 1.80 4.74 -4.67
CA THR A 102 0.90 5.75 -4.15
C THR A 102 0.66 5.44 -2.69
N ASP A 103 0.89 6.44 -1.83
CA ASP A 103 0.69 6.28 -0.39
C ASP A 103 -0.47 7.15 0.08
N LEU A 104 -1.41 6.54 0.80
CA LEU A 104 -2.61 7.22 1.25
C LEU A 104 -2.65 7.29 2.78
N SER A 105 -3.14 8.42 3.29
CA SER A 105 -3.36 8.63 4.71
C SER A 105 -4.86 8.67 4.98
N ILE A 106 -5.32 7.78 5.84
CA ILE A 106 -6.74 7.65 6.14
C ILE A 106 -6.93 8.05 7.60
N GLN A 107 -7.52 9.23 7.82
CA GLN A 107 -7.61 9.88 9.12
C GLN A 107 -9.06 10.11 9.52
N CYS A 108 -9.38 9.85 10.79
CA CYS A 108 -10.66 10.23 11.37
C CYS A 108 -10.46 10.81 12.75
N TYR A 109 -11.03 11.99 12.98
CA TYR A 109 -11.01 12.59 14.30
C TYR A 109 -12.27 12.20 15.06
N MET A 110 -12.10 11.88 16.34
CA MET A 110 -13.17 11.46 17.23
C MET A 110 -13.09 12.25 18.53
N PRO A 111 -14.22 12.59 19.15
CA PRO A 111 -14.16 13.44 20.35
C PRO A 111 -13.64 12.69 21.56
N LYS A 112 -12.80 13.38 22.34
CA LYS A 112 -12.39 12.90 23.66
C LYS A 112 -11.34 13.85 24.25
N GLU B 1 -5.71 17.79 32.27
CA GLU B 1 -4.85 16.85 32.97
C GLU B 1 -3.83 16.19 32.04
N THR B 2 -3.48 16.85 30.93
CA THR B 2 -2.37 16.38 30.11
C THR B 2 -1.07 16.62 30.86
N GLY B 3 -0.16 15.66 30.78
CA GLY B 3 1.09 15.75 31.52
C GLY B 3 2.18 16.56 30.85
N ILE B 4 2.00 16.98 29.60
CA ILE B 4 3.02 17.74 28.89
C ILE B 4 2.40 18.80 27.98
N ASP B 5 3.04 19.94 27.88
CA ASP B 5 2.70 20.97 26.90
C ASP B 5 3.57 20.74 25.67
N TRP B 6 2.95 20.72 24.48
CA TRP B 6 3.71 20.49 23.26
C TRP B 6 3.01 21.16 22.10
N ASP B 7 3.80 21.39 21.03
CA ASP B 7 3.25 22.00 19.84
C ASP B 7 4.14 21.63 18.67
N VAL B 8 3.60 21.75 17.47
CA VAL B 8 4.32 21.46 16.23
C VAL B 8 4.28 22.70 15.37
N PHE B 9 5.44 23.13 14.90
CA PHE B 9 5.52 24.28 14.00
C PHE B 9 6.05 23.81 12.65
N CYS B 10 5.14 23.74 11.67
CA CYS B 10 5.42 23.26 10.33
C CYS B 10 6.06 24.37 9.49
N SER B 11 6.81 23.95 8.47
CA SER B 11 7.51 24.90 7.60
C SER B 11 6.76 25.05 6.29
N GLN B 12 7.25 25.97 5.47
CA GLN B 12 6.65 26.27 4.18
C GLN B 12 7.31 25.50 3.04
N ASN B 13 8.41 24.81 3.30
CA ASN B 13 9.24 24.23 2.26
C ASN B 13 9.99 23.05 2.85
N GLU B 14 10.26 22.05 2.01
CA GLU B 14 10.88 20.81 2.47
C GLU B 14 12.32 21.01 2.91
N ASN B 15 12.96 22.12 2.48
CA ASN B 15 14.32 22.44 2.88
C ASN B 15 14.38 22.97 4.32
N ILE B 16 13.25 23.39 4.87
CA ILE B 16 13.19 23.91 6.23
C ILE B 16 12.61 22.82 7.13
N PRO B 17 13.32 22.37 8.15
CA PRO B 17 12.75 21.34 9.02
C PRO B 17 11.55 21.87 9.76
N ALA B 18 10.66 20.96 10.11
CA ALA B 18 9.61 21.27 11.06
C ALA B 18 10.21 21.25 12.47
N LYS B 19 9.52 21.88 13.41
CA LYS B 19 10.04 21.99 14.77
C LYS B 19 9.01 21.45 15.76
N PHE B 20 9.37 20.36 16.42
CA PHE B 20 8.53 19.73 17.44
C PHE B 20 9.02 20.15 18.81
N ILE B 21 8.11 20.69 19.62
CA ILE B 21 8.43 21.32 20.89
C ILE B 21 7.54 20.75 21.98
N SER B 22 8.15 20.37 23.10
CA SER B 22 7.45 19.71 24.20
C SER B 22 8.03 20.17 25.53
N ARG B 23 7.18 20.19 26.55
CA ARG B 23 7.62 20.54 27.89
C ARG B 23 6.93 19.64 28.91
N LEU B 24 7.74 18.97 29.74
CA LEU B 24 7.21 18.13 30.79
C LEU B 24 6.76 18.97 31.97
N VAL B 25 5.64 18.60 32.55
CA VAL B 25 5.13 19.25 33.75
C VAL B 25 5.44 18.32 34.92
N ALA B 26 5.83 18.90 36.06
CA ALA B 26 6.35 18.16 37.21
C ALA B 26 5.31 17.18 37.79
N PRO B 27 5.75 16.20 38.61
CA PRO B 27 4.84 15.29 39.32
C PRO B 27 3.78 15.98 40.16
N LEU B 30 4.06 12.41 38.25
CA LEU B 30 4.28 12.27 36.81
C LEU B 30 5.78 12.24 36.49
N ALA B 31 6.48 11.25 37.06
CA ALA B 31 7.84 10.96 36.63
C ALA B 31 7.84 10.23 35.28
N VAL B 32 8.77 10.59 34.41
CA VAL B 32 8.86 10.09 33.03
C VAL B 32 10.00 9.10 32.92
N GLU B 33 9.72 7.92 32.34
CA GLU B 33 10.79 6.98 32.03
C GLU B 33 11.46 7.29 30.69
N LYS B 34 10.75 7.10 29.59
CA LYS B 34 11.37 7.05 28.26
C LYS B 34 10.49 7.78 27.25
N MET B 35 11.13 8.35 26.21
CA MET B 35 10.40 8.99 25.12
C MET B 35 11.13 8.81 23.79
N ASP B 36 10.39 8.38 22.77
CA ASP B 36 10.93 8.20 21.42
C ASP B 36 9.91 8.65 20.39
N VAL B 37 10.42 9.01 19.21
CA VAL B 37 9.61 9.41 18.07
C VAL B 37 9.86 8.40 16.96
N ASP B 38 8.79 7.93 16.33
CA ASP B 38 8.90 6.93 15.29
C ASP B 38 9.00 7.64 13.95
N CYS B 39 10.20 7.62 13.38
CA CYS B 39 10.52 8.37 12.17
C CYS B 39 10.85 7.39 11.04
N SER B 40 10.68 7.85 9.80
CA SER B 40 10.94 7.03 8.63
C SER B 40 12.35 6.46 8.64
N ASN B 41 13.28 7.14 9.29
CA ASN B 41 14.65 6.67 9.39
C ASN B 41 14.90 5.90 10.66
N GLY B 42 13.94 5.79 11.54
CA GLY B 42 14.08 4.96 12.70
C GLY B 42 13.38 5.58 13.88
N LEU B 43 13.61 4.95 15.03
CA LEU B 43 13.02 5.40 16.28
C LEU B 43 14.05 6.31 16.97
N VAL B 44 13.68 7.56 17.23
CA VAL B 44 14.62 8.60 17.68
C VAL B 44 14.25 9.02 19.11
N PRO B 45 15.16 8.89 20.07
CA PRO B 45 14.83 9.23 21.46
C PRO B 45 14.87 10.73 21.73
N ILE B 46 14.16 11.13 22.77
CA ILE B 46 14.09 12.52 23.19
C ILE B 46 14.54 12.61 24.64
N THR B 47 15.44 13.55 24.93
CA THR B 47 15.82 13.90 26.29
C THR B 47 15.37 15.35 26.53
N HIS B 48 14.74 15.59 27.66
CA HIS B 48 14.35 16.94 28.05
C HIS B 48 15.39 17.53 28.98
N GLU B 49 16.16 18.49 28.47
CA GLU B 49 17.00 19.30 29.32
C GLU B 49 16.12 20.31 30.03
N HIS B 50 16.06 20.21 31.35
CA HIS B 50 15.33 21.17 32.16
C HIS B 50 13.83 21.11 31.91
N GLY B 51 13.33 19.94 31.49
CA GLY B 51 11.92 19.79 31.22
C GLY B 51 11.48 20.24 29.85
N PHE B 52 12.43 20.62 28.99
CA PHE B 52 12.11 21.17 27.68
C PHE B 52 12.92 20.49 26.58
N ASN B 53 12.30 20.36 25.41
CA ASN B 53 12.96 19.85 24.22
C ASN B 53 12.42 20.58 23.00
N MET B 54 13.32 20.92 22.08
CA MET B 54 12.97 21.33 20.73
C MET B 54 13.72 20.41 19.78
N MET B 55 12.98 19.75 18.90
CA MET B 55 13.54 18.83 17.93
C MET B 55 13.18 19.25 16.52
N LEU B 56 14.15 19.17 15.63
CA LEU B 56 13.90 19.36 14.21
C LEU B 56 13.46 18.05 13.58
N ILE B 57 12.40 18.13 12.76
CA ILE B 57 11.93 16.99 11.98
C ILE B 57 12.00 17.40 10.52
N GLN B 58 12.79 16.68 9.74
CA GLN B 58 13.07 17.06 8.38
C GLN B 58 12.18 16.34 7.39
N TYR B 59 11.79 17.06 6.34
CA TYR B 59 10.97 16.50 5.29
C TYR B 59 11.76 15.59 4.33
N THR B 60 13.08 15.81 4.18
CA THR B 60 13.89 14.97 3.29
C THR B 60 15.12 14.45 4.04
N ARG B 61 15.78 13.46 3.43
CA ARG B 61 17.00 12.90 4.01
C ARG B 61 18.19 13.81 3.77
N ASN B 62 19.03 13.94 4.79
CA ASN B 62 20.28 14.70 4.66
C ASN B 62 21.27 14.34 5.77
N SER B 67 23.34 13.68 9.90
CA SER B 67 22.87 12.46 10.54
C SER B 67 22.72 12.51 12.09
N PRO B 68 23.37 13.46 12.78
CA PRO B 68 23.25 13.48 14.25
C PRO B 68 21.84 13.77 14.74
N GLY B 69 21.32 12.84 15.57
CA GLY B 69 20.00 12.92 16.19
C GLY B 69 18.81 13.11 15.27
N MET B 70 18.94 12.79 13.99
CA MET B 70 17.95 13.23 13.02
C MET B 70 16.68 12.40 13.04
N CYS B 71 15.58 13.05 12.64
CA CYS B 71 14.28 12.43 12.45
C CYS B 71 13.74 12.93 11.11
N VAL B 72 13.34 11.99 10.26
CA VAL B 72 12.75 12.31 8.96
C VAL B 72 11.28 11.89 9.01
N PHE B 73 10.42 12.73 8.44
CA PHE B 73 9.01 12.43 8.38
C PHE B 73 8.76 11.14 7.62
N TRP B 74 7.73 10.41 8.03
CA TRP B 74 7.12 9.44 7.16
C TRP B 74 6.29 10.20 6.12
N GLY B 75 6.47 9.86 4.85
CA GLY B 75 5.64 10.45 3.82
C GLY B 75 6.47 10.72 2.59
N PRO B 76 5.88 11.41 1.61
CA PRO B 76 4.55 12.04 1.64
C PRO B 76 3.35 11.10 1.45
N TYR B 77 2.21 11.51 1.99
CA TYR B 77 0.94 10.80 1.86
C TYR B 77 -0.04 11.69 1.14
N SER B 78 -0.86 11.08 0.27
CA SER B 78 -1.94 11.80 -0.35
C SER B 78 -3.13 11.94 0.60
N VAL B 79 -3.87 13.02 0.39
CA VAL B 79 -5.01 13.42 1.23
C VAL B 79 -6.27 13.26 0.40
N PRO B 80 -7.33 12.64 0.92
CA PRO B 80 -8.48 12.33 0.05
C PRO B 80 -9.15 13.57 -0.51
N LYS B 81 -9.40 14.56 0.35
CA LYS B 81 -10.27 15.66 -0.02
C LYS B 81 -9.58 16.61 -1.01
N ASN B 82 -8.43 17.13 -0.61
CA ASN B 82 -7.68 18.09 -1.41
C ASN B 82 -6.53 17.35 -2.08
N ASP B 83 -6.46 17.42 -3.40
CA ASP B 83 -5.39 16.79 -4.15
C ASP B 83 -4.22 17.72 -4.40
N THR B 84 -4.25 18.94 -3.83
CA THR B 84 -3.20 19.94 -3.98
C THR B 84 -2.23 19.98 -2.81
N VAL B 85 -2.36 19.09 -1.82
CA VAL B 85 -1.47 19.05 -0.67
C VAL B 85 -1.15 17.60 -0.34
N VAL B 86 -0.09 17.42 0.44
CA VAL B 86 0.29 16.13 0.97
C VAL B 86 0.58 16.28 2.47
N LEU B 87 0.54 15.15 3.16
CA LEU B 87 0.77 15.08 4.59
C LEU B 87 2.13 14.44 4.85
N TYR B 88 2.90 15.02 5.75
CA TYR B 88 4.05 14.39 6.36
C TYR B 88 3.73 14.13 7.84
N THR B 89 4.26 13.05 8.39
CA THR B 89 3.90 12.78 9.77
C THR B 89 4.96 11.92 10.45
N VAL B 90 4.94 11.99 11.78
CA VAL B 90 5.55 11.00 12.66
C VAL B 90 4.65 10.89 13.89
N THR B 91 5.03 10.01 14.81
CA THR B 91 4.31 9.86 16.05
C THR B 91 5.32 9.75 17.19
N ALA B 92 4.89 10.18 18.37
CA ALA B 92 5.73 10.16 19.55
C ALA B 92 5.04 9.31 20.60
N ARG B 93 5.84 8.56 21.36
CA ARG B 93 5.32 7.76 22.45
C ARG B 93 6.11 8.16 23.69
N LEU B 94 5.41 8.61 24.71
CA LEU B 94 6.04 8.98 25.96
C LEU B 94 5.61 7.95 27.00
N LYS B 95 6.61 7.25 27.55
CA LYS B 95 6.37 6.12 28.44
C LYS B 95 6.54 6.60 29.88
N TRP B 96 5.43 6.61 30.62
CA TRP B 96 5.47 7.00 32.01
C TRP B 96 5.95 5.83 32.88
N SER B 97 6.48 6.20 34.04
CA SER B 97 6.84 5.22 35.06
C SER B 97 5.61 4.46 35.55
N GLU B 98 4.48 5.15 35.66
CA GLU B 98 3.21 4.55 36.09
C GLU B 98 2.11 4.99 35.14
N GLY B 99 1.44 4.02 34.51
CA GLY B 99 0.21 4.28 33.79
C GLY B 99 0.31 4.02 32.30
N PRO B 100 -0.77 4.31 31.57
CA PRO B 100 -0.72 4.12 30.12
C PRO B 100 0.15 5.17 29.46
N PRO B 101 0.75 4.86 28.31
CA PRO B 101 1.60 5.84 27.64
C PRO B 101 0.78 6.90 26.92
N THR B 102 1.41 8.05 26.68
CA THR B 102 0.81 9.08 25.84
C THR B 102 1.34 8.93 24.43
N ASP B 103 0.43 8.86 23.47
CA ASP B 103 0.77 8.73 22.06
C ASP B 103 0.39 10.02 21.35
N LEU B 104 1.36 10.61 20.66
CA LEU B 104 1.18 11.89 19.98
C LEU B 104 1.30 11.70 18.47
N SER B 105 0.46 12.43 17.73
CA SER B 105 0.51 12.50 16.28
C SER B 105 1.02 13.87 15.86
N ILE B 106 2.12 13.88 15.12
CA ILE B 106 2.79 15.11 14.72
C ILE B 106 2.69 15.21 13.21
N GLN B 107 1.83 16.11 12.74
CA GLN B 107 1.39 16.16 11.35
C GLN B 107 1.70 17.53 10.76
N CYS B 108 2.22 17.53 9.53
CA CYS B 108 2.44 18.75 8.76
C CYS B 108 1.92 18.53 7.35
N TYR B 109 1.04 19.42 6.91
CA TYR B 109 0.59 19.44 5.53
C TYR B 109 1.52 20.34 4.76
N MET B 110 1.85 19.93 3.55
CA MET B 110 2.73 20.65 2.64
C MET B 110 2.10 20.65 1.25
N PRO B 111 2.18 21.74 0.50
CA PRO B 111 1.53 21.77 -0.82
C PRO B 111 2.29 20.98 -1.88
N LYS B 112 1.54 20.31 -2.75
CA LYS B 112 2.05 19.67 -3.96
C LYS B 112 0.91 18.94 -4.68
N THR C 2 6.95 -26.85 -7.30
CA THR C 2 7.11 -25.69 -8.16
C THR C 2 6.43 -24.49 -7.50
N GLY C 3 7.01 -23.29 -7.70
CA GLY C 3 6.54 -22.05 -7.12
C GLY C 3 5.33 -21.41 -7.77
N ILE C 4 4.76 -21.98 -8.82
CA ILE C 4 3.63 -21.35 -9.52
C ILE C 4 2.57 -22.42 -9.82
N ASP C 5 1.32 -22.05 -9.58
CA ASP C 5 0.13 -22.84 -9.93
C ASP C 5 -0.48 -22.24 -11.20
N TRP C 6 -0.66 -23.05 -12.25
CA TRP C 6 -1.19 -22.47 -13.48
C TRP C 6 -1.85 -23.53 -14.37
N ASP C 7 -2.68 -23.04 -15.28
CA ASP C 7 -3.27 -23.84 -16.37
C ASP C 7 -3.70 -22.90 -17.49
N VAL C 8 -3.96 -23.50 -18.65
CA VAL C 8 -4.39 -22.79 -19.85
C VAL C 8 -5.77 -23.28 -20.21
N PHE C 9 -6.68 -22.35 -20.48
CA PHE C 9 -8.02 -22.72 -20.92
C PHE C 9 -8.15 -22.26 -22.36
N CYS C 10 -8.07 -23.23 -23.27
CA CYS C 10 -8.12 -22.96 -24.68
C CYS C 10 -9.57 -22.80 -25.12
N SER C 11 -9.77 -22.04 -26.18
CA SER C 11 -11.11 -21.80 -26.68
C SER C 11 -11.38 -22.68 -27.89
N GLN C 12 -12.61 -22.64 -28.37
CA GLN C 12 -13.02 -23.43 -29.51
C GLN C 12 -13.02 -22.64 -30.81
N ASN C 13 -12.72 -21.35 -30.77
CA ASN C 13 -12.91 -20.45 -31.89
C ASN C 13 -11.82 -19.39 -31.90
N GLU C 14 -11.30 -19.06 -33.08
CA GLU C 14 -10.17 -18.13 -33.16
C GLU C 14 -10.52 -16.72 -32.71
N ASN C 15 -11.80 -16.35 -32.71
CA ASN C 15 -12.23 -15.03 -32.25
C ASN C 15 -12.32 -14.93 -30.73
N ILE C 16 -12.35 -16.06 -30.04
CA ILE C 16 -12.41 -16.10 -28.59
C ILE C 16 -11.01 -16.41 -28.09
N PRO C 17 -10.36 -15.51 -27.35
CA PRO C 17 -9.00 -15.77 -26.90
C PRO C 17 -8.94 -16.86 -25.86
N ALA C 18 -7.78 -17.50 -25.77
CA ALA C 18 -7.48 -18.37 -24.65
C ALA C 18 -7.16 -17.54 -23.41
N LYS C 19 -7.22 -18.20 -22.24
CA LYS C 19 -7.00 -17.56 -20.96
C LYS C 19 -5.88 -18.28 -20.21
N PHE C 20 -4.81 -17.56 -19.94
CA PHE C 20 -3.65 -18.06 -19.19
C PHE C 20 -3.78 -17.55 -17.76
N ILE C 21 -3.78 -18.48 -16.80
CA ILE C 21 -4.12 -18.18 -15.42
C ILE C 21 -3.03 -18.74 -14.53
N SER C 22 -2.52 -17.91 -13.62
CA SER C 22 -1.39 -18.29 -12.78
C SER C 22 -1.53 -17.64 -11.42
N ARG C 23 -1.11 -18.38 -10.39
CA ARG C 23 -1.04 -17.86 -9.04
C ARG C 23 0.31 -18.19 -8.45
N LEU C 24 0.93 -17.20 -7.85
CA LEU C 24 2.24 -17.39 -7.25
C LEU C 24 2.11 -18.01 -5.87
N VAL C 25 3.00 -18.90 -5.56
CA VAL C 25 3.04 -19.48 -4.22
C VAL C 25 4.09 -18.68 -3.48
N ALA C 26 3.76 -18.30 -2.24
CA ALA C 26 4.53 -17.33 -1.48
C ALA C 26 5.96 -17.83 -1.22
N PRO C 27 6.85 -16.93 -0.79
CA PRO C 27 8.20 -17.27 -0.31
C PRO C 27 8.22 -18.54 0.55
N LEU C 30 11.61 -15.85 -0.78
CA LEU C 30 11.77 -15.92 -2.22
C LEU C 30 10.52 -15.41 -2.95
N ALA C 31 10.72 -14.42 -3.83
CA ALA C 31 9.65 -13.74 -4.55
C ALA C 31 10.06 -13.61 -6.02
N VAL C 32 9.18 -12.97 -6.79
CA VAL C 32 9.32 -12.89 -8.25
C VAL C 32 9.86 -11.53 -8.64
N GLU C 33 10.90 -11.54 -9.49
CA GLU C 33 11.47 -10.31 -10.04
C GLU C 33 10.57 -9.77 -11.14
N LYS C 34 10.36 -10.57 -12.20
CA LYS C 34 9.44 -10.17 -13.25
C LYS C 34 8.95 -11.42 -13.98
N MET C 35 7.92 -11.23 -14.78
CA MET C 35 7.36 -12.30 -15.60
C MET C 35 7.04 -11.76 -16.99
N ASP C 36 7.49 -12.46 -18.03
CA ASP C 36 7.25 -12.01 -19.39
C ASP C 36 6.74 -13.16 -20.24
N VAL C 37 5.92 -12.80 -21.21
CA VAL C 37 5.33 -13.75 -22.15
C VAL C 37 5.82 -13.38 -23.55
N ASP C 38 6.36 -14.36 -24.29
CA ASP C 38 6.88 -14.12 -25.62
C ASP C 38 5.75 -14.40 -26.60
N CYS C 39 5.24 -13.35 -27.20
CA CYS C 39 4.06 -13.41 -28.05
C CYS C 39 4.47 -13.04 -29.47
N SER C 40 3.70 -13.49 -30.45
CA SER C 40 4.04 -13.19 -31.84
C SER C 40 4.14 -11.70 -32.07
N ASN C 41 3.42 -10.89 -31.27
CA ASN C 41 3.43 -9.44 -31.43
C ASN C 41 4.43 -8.72 -30.52
N GLY C 42 5.12 -9.44 -29.65
CA GLY C 42 6.21 -8.85 -28.88
C GLY C 42 6.29 -9.48 -27.51
N LEU C 43 7.17 -8.92 -26.68
CA LEU C 43 7.35 -9.41 -25.33
C LEU C 43 6.44 -8.62 -24.37
N VAL C 44 5.56 -9.32 -23.67
CA VAL C 44 4.47 -8.73 -22.90
C VAL C 44 4.71 -9.00 -21.42
N PRO C 45 4.83 -7.97 -20.56
CA PRO C 45 5.02 -8.22 -19.14
C PRO C 45 3.71 -8.58 -18.43
N ILE C 46 3.85 -9.31 -17.32
CA ILE C 46 2.71 -9.73 -16.51
C ILE C 46 2.94 -9.23 -15.09
N THR C 47 1.89 -8.64 -14.52
CA THR C 47 1.88 -8.30 -13.10
C THR C 47 0.81 -9.13 -12.40
N HIS C 48 1.16 -9.65 -11.25
CA HIS C 48 0.19 -10.33 -10.40
C HIS C 48 -0.33 -9.35 -9.37
N GLU C 49 -1.65 -9.19 -9.35
CA GLU C 49 -2.31 -8.53 -8.23
C GLU C 49 -2.43 -9.54 -7.09
N HIS C 50 -1.78 -9.24 -5.96
CA HIS C 50 -1.84 -10.13 -4.80
C HIS C 50 -1.53 -11.57 -5.19
N GLY C 51 -0.67 -11.76 -6.20
CA GLY C 51 -0.24 -13.08 -6.60
C GLY C 51 -1.09 -13.82 -7.60
N PHE C 52 -2.09 -13.17 -8.20
CA PHE C 52 -2.96 -13.85 -9.15
C PHE C 52 -3.01 -13.04 -10.44
N ASN C 53 -3.06 -13.76 -11.56
CA ASN C 53 -3.21 -13.09 -12.85
C ASN C 53 -3.98 -13.99 -13.78
N MET C 54 -4.87 -13.39 -14.57
CA MET C 54 -5.53 -14.01 -15.72
C MET C 54 -5.20 -13.19 -16.95
N MET C 55 -4.63 -13.81 -17.97
CA MET C 55 -4.25 -13.13 -19.19
C MET C 55 -4.97 -13.74 -20.37
N LEU C 56 -5.51 -12.89 -21.23
CA LEU C 56 -6.11 -13.32 -22.49
C LEU C 56 -5.04 -13.38 -23.57
N ILE C 57 -5.05 -14.47 -24.36
CA ILE C 57 -4.12 -14.65 -25.47
C ILE C 57 -4.93 -14.86 -26.73
N GLN C 58 -4.79 -13.96 -27.70
CA GLN C 58 -5.63 -13.98 -28.89
C GLN C 58 -5.00 -14.79 -30.00
N TYR C 59 -5.84 -15.55 -30.69
CA TYR C 59 -5.37 -16.35 -31.81
C TYR C 59 -5.13 -15.51 -33.06
N THR C 60 -5.83 -14.37 -33.19
CA THR C 60 -5.68 -13.55 -34.39
C THR C 60 -5.30 -12.13 -34.00
N ARG C 61 -5.05 -11.32 -35.03
CA ARG C 61 -4.61 -9.95 -34.83
C ARG C 61 -5.77 -8.97 -34.65
N ASN C 62 -7.00 -9.39 -34.98
CA ASN C 62 -8.12 -8.47 -35.02
C ASN C 62 -8.44 -7.93 -33.64
N LYS C 63 -8.46 -6.60 -33.54
CA LYS C 63 -8.53 -5.83 -32.28
C LYS C 63 -7.41 -4.80 -32.31
N PRO C 68 -4.04 -2.91 -25.75
CA PRO C 68 -4.34 -3.02 -24.31
C PRO C 68 -3.55 -4.13 -23.61
N GLY C 69 -2.21 -4.12 -23.79
CA GLY C 69 -1.40 -5.21 -23.25
C GLY C 69 -1.56 -6.52 -23.99
N MET C 70 -1.95 -6.47 -25.26
CA MET C 70 -2.38 -7.67 -25.96
C MET C 70 -1.21 -8.62 -26.24
N CYS C 71 -1.54 -9.90 -26.26
CA CYS C 71 -0.60 -10.96 -26.59
C CYS C 71 -1.27 -11.88 -27.60
N VAL C 72 -0.61 -12.09 -28.74
CA VAL C 72 -1.13 -12.95 -29.80
C VAL C 72 -0.28 -14.21 -29.84
N PHE C 73 -0.95 -15.35 -29.97
CA PHE C 73 -0.27 -16.62 -30.08
C PHE C 73 0.71 -16.62 -31.26
N TRP C 74 1.81 -17.35 -31.09
CA TRP C 74 2.58 -17.81 -32.24
C TRP C 74 1.84 -18.95 -32.89
N GLY C 75 1.69 -18.88 -34.22
CA GLY C 75 1.13 -20.00 -34.96
C GLY C 75 0.23 -19.52 -36.07
N PRO C 76 -0.49 -20.45 -36.70
CA PRO C 76 -0.60 -21.87 -36.39
C PRO C 76 0.58 -22.72 -36.87
N TYR C 77 0.78 -23.85 -36.20
CA TYR C 77 1.83 -24.80 -36.53
C TYR C 77 1.25 -26.17 -36.86
N SER C 78 1.85 -26.83 -37.84
CA SER C 78 1.56 -28.22 -38.12
C SER C 78 2.33 -29.14 -37.18
N VAL C 79 1.74 -30.31 -36.92
CA VAL C 79 2.23 -31.30 -35.95
C VAL C 79 2.54 -32.58 -36.69
N PRO C 80 3.61 -33.33 -36.35
CA PRO C 80 4.01 -34.44 -37.21
C PRO C 80 2.98 -35.55 -37.36
N LYS C 81 2.32 -35.98 -36.29
CA LYS C 81 1.44 -37.12 -36.43
C LYS C 81 0.09 -36.74 -37.06
N ASN C 82 -0.57 -35.71 -36.53
CA ASN C 82 -1.97 -35.44 -36.84
C ASN C 82 -2.10 -34.30 -37.84
N ASP C 83 -2.84 -34.57 -38.91
CA ASP C 83 -3.20 -33.57 -39.89
C ASP C 83 -4.56 -32.94 -39.60
N THR C 84 -5.18 -33.27 -38.45
CA THR C 84 -6.49 -32.73 -38.10
C THR C 84 -6.46 -31.52 -37.16
N VAL C 85 -5.29 -31.05 -36.74
CA VAL C 85 -5.20 -29.90 -35.83
C VAL C 85 -3.96 -29.08 -36.13
N VAL C 86 -3.97 -27.85 -35.62
CA VAL C 86 -2.82 -26.97 -35.64
C VAL C 86 -2.57 -26.47 -34.23
N LEU C 87 -1.34 -26.01 -33.99
CA LEU C 87 -0.89 -25.59 -32.68
C LEU C 87 -0.75 -24.09 -32.64
N TYR C 88 -1.27 -23.47 -31.60
CA TYR C 88 -0.92 -22.12 -31.24
C TYR C 88 -0.19 -22.16 -29.91
N THR C 89 0.79 -21.27 -29.74
CA THR C 89 1.59 -21.33 -28.52
C THR C 89 2.22 -19.98 -28.23
N VAL C 90 2.62 -19.80 -26.96
CA VAL C 90 3.54 -18.77 -26.51
C VAL C 90 4.33 -19.37 -25.35
N THR C 91 5.28 -18.61 -24.83
CA THR C 91 6.08 -19.03 -23.69
C THR C 91 6.19 -17.87 -22.71
N ALA C 92 6.30 -18.21 -21.44
CA ALA C 92 6.40 -17.23 -20.38
C ALA C 92 7.65 -17.53 -19.58
N ARG C 93 8.32 -16.47 -19.15
CA ARG C 93 9.48 -16.58 -18.28
C ARG C 93 9.25 -15.69 -17.07
N LEU C 94 9.28 -16.30 -15.89
CA LEU C 94 9.21 -15.53 -14.67
C LEU C 94 10.51 -15.72 -13.91
N LYS C 95 11.18 -14.62 -13.64
CA LYS C 95 12.44 -14.61 -12.93
C LYS C 95 12.20 -14.39 -11.44
N TRP C 96 12.99 -15.06 -10.63
CA TRP C 96 12.91 -15.05 -9.18
C TRP C 96 14.09 -14.27 -8.59
N SER C 97 13.89 -13.75 -7.38
CA SER C 97 14.98 -13.04 -6.71
C SER C 97 16.18 -13.94 -6.47
N GLU C 98 15.94 -15.19 -6.05
CA GLU C 98 17.00 -16.18 -5.88
C GLU C 98 16.56 -17.46 -6.56
N GLY C 99 17.27 -17.84 -7.62
CA GLY C 99 17.19 -19.17 -8.16
C GLY C 99 17.09 -19.13 -9.67
N PRO C 100 16.96 -20.30 -10.28
CA PRO C 100 16.80 -20.37 -11.72
C PRO C 100 15.41 -19.96 -12.15
N PRO C 101 15.25 -19.47 -13.38
CA PRO C 101 13.93 -19.02 -13.82
C PRO C 101 13.01 -20.19 -14.11
N THR C 102 11.72 -19.89 -14.05
CA THR C 102 10.68 -20.83 -14.45
C THR C 102 10.26 -20.48 -15.86
N ASP C 103 10.30 -21.47 -16.75
CA ASP C 103 9.89 -21.32 -18.14
C ASP C 103 8.67 -22.19 -18.40
N LEU C 104 7.63 -21.56 -18.96
CA LEU C 104 6.35 -22.22 -19.20
C LEU C 104 6.06 -22.26 -20.69
N SER C 105 5.47 -23.38 -21.12
CA SER C 105 5.00 -23.59 -22.48
C SER C 105 3.47 -23.60 -22.45
N ILE C 106 2.86 -22.71 -23.21
CA ILE C 106 1.41 -22.51 -23.20
C ILE C 106 0.89 -22.89 -24.57
N GLN C 107 0.21 -24.03 -24.67
CA GLN C 107 -0.14 -24.62 -25.95
C GLN C 107 -1.64 -24.74 -26.08
N CYS C 108 -2.18 -24.33 -27.23
CA CYS C 108 -3.59 -24.50 -27.58
C CYS C 108 -3.72 -25.03 -29.00
N TYR C 109 -4.36 -26.18 -29.14
CA TYR C 109 -4.69 -26.77 -30.43
C TYR C 109 -6.06 -26.31 -30.90
N MET C 110 -6.18 -26.08 -32.19
CA MET C 110 -7.40 -25.61 -32.84
C MET C 110 -7.64 -26.48 -34.07
N PRO C 111 -8.89 -26.77 -34.40
CA PRO C 111 -9.14 -27.69 -35.51
C PRO C 111 -8.86 -27.06 -36.87
N LYS C 112 -8.41 -27.92 -37.78
CA LYS C 112 -8.26 -27.56 -39.19
C LYS C 112 -7.80 -28.75 -40.01
#